data_7GA5
#
_entry.id   7GA5
#
_cell.length_a   54.196
_cell.length_b   69.916
_cell.length_c   57.826
_cell.angle_alpha   90.000
_cell.angle_beta   91.970
_cell.angle_gamma   90.000
#
_symmetry.space_group_name_H-M   'P 1 21 1'
#
loop_
_entity.id
_entity.type
_entity.pdbx_description
1 polymer 'Serine protease NS3'
2 non-polymer 1,2-ETHANEDIOL
3 non-polymer 'PHOSPHATE ION'
4 non-polymer (4S)-2-METHYL-2,4-PENTANEDIOL
5 non-polymer 2-(piperazin-1-yl)-1,3-benzothiazole
6 water water
#
_entity_poly.entity_id   1
_entity_poly.type   'polypeptide(L)'
_entity_poly.pdbx_seq_one_letter_code
;MLKKKQLTVLDLHPGAGKTRRVLPEIVREAIKKRLRTVILAPTRVVAAEMEEALRGLPVRYMTTAVNVTHSGTEIVDLMC
HATFTSRLLQPIRVPNYNLNIMDEAHFTDPSSIAARGYISTRVEMGEAAAIFMTATPPGTRDAFPDSNSPIMDTEVEVPE
RAWSSGFDWVTDHSGKTVWFVPSVRNGNEIAACLTKAGKRVIQLSRKTFETEFQKTKNQEWDFVITTDISEMGANFKADR
VIDSRRCLKPVILDGERVILAGPMPVTHASAAQRRGRIGRNPNKPGDEYMYGGGCAETDEGHAHWLEARMLLDNIYLQDG
LIASLYRPEADKVAAIEGEFKLRTEQRKTFVELMKRGDLPVWLAYQVASAGITYTDRRWCFDGTTNNTIMEDSVPAEVWT
KYGEKRVLKPRWMDARVCSDHAALKSFKEFAAGKR
;
_entity_poly.pdbx_strand_id   A
#
loop_
_chem_comp.id
_chem_comp.type
_chem_comp.name
_chem_comp.formula
EDO non-polymer 1,2-ETHANEDIOL 'C2 H6 O2'
MPD non-polymer (4S)-2-METHYL-2,4-PENTANEDIOL 'C6 H14 O2'
PO4 non-polymer 'PHOSPHATE ION' 'O4 P -3'
ZVN non-polymer 2-(piperazin-1-yl)-1,3-benzothiazole 'C11 H13 N3 S'
#
# COMPACT_ATOMS: atom_id res chain seq x y z
N MET A 1 -0.96 16.37 -22.90
CA MET A 1 -0.60 15.16 -22.16
C MET A 1 -1.33 13.90 -22.67
N LEU A 2 -2.49 14.09 -23.32
CA LEU A 2 -3.39 13.01 -23.71
C LEU A 2 -2.99 12.23 -24.98
N LYS A 3 -1.96 12.71 -25.72
CA LYS A 3 -1.52 12.03 -26.94
C LYS A 3 -0.74 10.76 -26.67
N LYS A 4 -0.96 9.73 -27.50
CA LYS A 4 -0.31 8.42 -27.44
C LYS A 4 1.22 8.51 -27.21
N LYS A 5 1.84 7.40 -26.77
CA LYS A 5 3.28 7.27 -26.49
C LYS A 5 3.82 8.30 -25.47
N GLN A 6 2.95 9.05 -24.78
CA GLN A 6 3.42 10.01 -23.77
C GLN A 6 3.01 9.66 -22.34
N LEU A 7 3.99 9.64 -21.43
CA LEU A 7 3.79 9.43 -20.01
C LEU A 7 4.23 10.69 -19.29
N THR A 8 3.29 11.37 -18.63
CA THR A 8 3.58 12.59 -17.89
C THR A 8 3.64 12.34 -16.39
N VAL A 9 4.65 12.87 -15.71
CA VAL A 9 4.74 12.79 -14.27
C VAL A 9 4.26 14.15 -13.76
N LEU A 10 3.07 14.20 -13.15
CA LEU A 10 2.53 15.44 -12.61
C LEU A 10 3.02 15.54 -11.16
N ASP A 11 4.15 16.26 -10.96
CA ASP A 11 4.80 16.30 -9.68
C ASP A 11 4.60 17.61 -8.91
N LEU A 12 3.37 18.14 -8.86
CA LEU A 12 3.10 19.33 -8.04
C LEU A 12 3.28 18.94 -6.55
N HIS A 13 3.71 19.89 -5.69
CA HIS A 13 3.95 19.62 -4.26
C HIS A 13 2.70 19.10 -3.52
N PRO A 14 2.82 18.43 -2.35
CA PRO A 14 1.62 17.95 -1.64
C PRO A 14 0.64 19.08 -1.27
N GLY A 15 -0.62 18.87 -1.63
CA GLY A 15 -1.65 19.87 -1.38
C GLY A 15 -1.76 20.94 -2.46
N ALA A 16 -1.04 20.79 -3.59
CA ALA A 16 -1.11 21.78 -4.67
C ALA A 16 -2.38 21.71 -5.52
N GLY A 17 -3.23 20.71 -5.29
CA GLY A 17 -4.51 20.58 -5.99
C GLY A 17 -4.58 19.60 -7.14
N LYS A 18 -3.71 18.57 -7.14
CA LYS A 18 -3.71 17.58 -8.21
C LYS A 18 -5.04 16.84 -8.33
N THR A 19 -5.66 16.47 -7.21
CA THR A 19 -6.90 15.70 -7.23
C THR A 19 -8.18 16.56 -7.42
N ARG A 20 -8.34 17.64 -6.64
CA ARG A 20 -9.55 18.46 -6.72
C ARG A 20 -9.57 19.45 -7.88
N ARG A 21 -8.40 19.88 -8.37
CA ARG A 21 -8.35 20.87 -9.45
C ARG A 21 -7.83 20.34 -10.80
N VAL A 22 -6.66 19.67 -10.80
CA VAL A 22 -6.09 19.18 -12.04
C VAL A 22 -6.88 17.99 -12.62
N LEU A 23 -7.07 16.92 -11.84
CA LEU A 23 -7.81 15.74 -12.28
C LEU A 23 -9.17 16.02 -13.00
N PRO A 24 -10.10 16.89 -12.52
CA PRO A 24 -11.35 17.12 -13.29
C PRO A 24 -11.12 17.78 -14.66
N GLU A 25 -10.12 18.69 -14.76
CA GLU A 25 -9.77 19.32 -16.02
C GLU A 25 -9.34 18.24 -17.05
N ILE A 26 -8.45 17.30 -16.63
CA ILE A 26 -7.99 16.20 -17.48
C ILE A 26 -9.17 15.34 -17.97
N VAL A 27 -10.04 14.95 -17.03
CA VAL A 27 -11.21 14.11 -17.31
C VAL A 27 -12.15 14.77 -18.32
N ARG A 28 -12.39 16.09 -18.20
CA ARG A 28 -13.24 16.82 -19.12
C ARG A 28 -12.66 16.76 -20.53
N GLU A 29 -11.36 17.04 -20.66
CA GLU A 29 -10.66 16.98 -21.94
C GLU A 29 -10.67 15.55 -22.53
N ALA A 30 -10.53 14.50 -21.70
CA ALA A 30 -10.53 13.12 -22.19
C ALA A 30 -11.90 12.69 -22.71
N ILE A 31 -12.97 13.18 -22.06
CA ILE A 31 -14.36 12.91 -22.46
C ILE A 31 -14.65 13.63 -23.80
N LYS A 32 -14.15 14.86 -23.97
CA LYS A 32 -14.27 15.67 -25.18
C LYS A 32 -13.58 14.97 -26.37
N LYS A 33 -12.44 14.32 -26.12
CA LYS A 33 -11.69 13.62 -27.18
C LYS A 33 -12.07 12.15 -27.36
N ARG A 34 -13.09 11.65 -26.64
CA ARG A 34 -13.53 10.26 -26.69
C ARG A 34 -12.41 9.27 -26.37
N LEU A 35 -11.60 9.59 -25.35
CA LEU A 35 -10.53 8.68 -24.95
C LEU A 35 -11.10 7.74 -23.88
N ARG A 36 -11.00 6.43 -24.10
CA ARG A 36 -11.43 5.45 -23.10
C ARG A 36 -10.41 5.57 -21.92
N THR A 37 -10.87 6.07 -20.75
CA THR A 37 -9.99 6.42 -19.65
C THR A 37 -10.17 5.58 -18.34
N VAL A 38 -9.06 5.32 -17.64
CA VAL A 38 -9.09 4.67 -16.34
C VAL A 38 -8.42 5.59 -15.33
N ILE A 39 -9.05 5.75 -14.17
CA ILE A 39 -8.56 6.53 -13.02
C ILE A 39 -8.31 5.52 -11.89
N LEU A 40 -7.07 5.43 -11.45
CA LEU A 40 -6.65 4.49 -10.44
C LEU A 40 -6.41 5.16 -9.08
N ALA A 41 -7.21 4.78 -8.08
CA ALA A 41 -7.15 5.31 -6.70
C ALA A 41 -6.40 4.33 -5.79
N PRO A 42 -5.53 4.77 -4.85
CA PRO A 42 -4.81 3.81 -3.99
C PRO A 42 -5.70 3.07 -2.99
N THR A 43 -6.71 3.78 -2.42
CA THR A 43 -7.61 3.25 -1.41
C THR A 43 -9.08 3.65 -1.70
N ARG A 44 -10.03 2.98 -1.02
CA ARG A 44 -11.44 3.30 -1.17
CA ARG A 44 -11.44 3.29 -1.16
C ARG A 44 -11.75 4.70 -0.61
N VAL A 45 -10.94 5.19 0.36
CA VAL A 45 -11.10 6.52 0.96
C VAL A 45 -10.77 7.61 -0.06
N VAL A 46 -9.70 7.40 -0.87
CA VAL A 46 -9.32 8.35 -1.93
C VAL A 46 -10.39 8.29 -3.05
N ALA A 47 -10.92 7.11 -3.35
CA ALA A 47 -11.97 6.93 -4.34
C ALA A 47 -13.23 7.73 -4.00
N ALA A 48 -13.55 7.85 -2.69
CA ALA A 48 -14.71 8.63 -2.22
C ALA A 48 -14.46 10.12 -2.42
N GLU A 49 -13.23 10.56 -2.14
CA GLU A 49 -12.84 11.96 -2.34
C GLU A 49 -12.86 12.35 -3.82
N MET A 50 -12.52 11.40 -4.69
CA MET A 50 -12.50 11.57 -6.13
C MET A 50 -13.90 11.72 -6.68
N GLU A 51 -14.89 10.98 -6.13
CA GLU A 51 -16.28 11.12 -6.57
C GLU A 51 -16.76 12.56 -6.29
N GLU A 52 -16.39 13.10 -5.12
CA GLU A 52 -16.77 14.45 -4.73
C GLU A 52 -16.16 15.49 -5.67
N ALA A 53 -14.91 15.29 -6.10
CA ALA A 53 -14.25 16.20 -7.02
C ALA A 53 -14.76 16.07 -8.45
N LEU A 54 -15.18 14.88 -8.85
CA LEU A 54 -15.67 14.61 -10.20
C LEU A 54 -17.19 14.60 -10.31
N ARG A 55 -17.91 15.13 -9.31
CA ARG A 55 -19.38 15.13 -9.34
C ARG A 55 -19.94 15.86 -10.56
N GLY A 56 -20.93 15.25 -11.20
CA GLY A 56 -21.54 15.79 -12.41
C GLY A 56 -20.96 15.19 -13.68
N LEU A 57 -19.67 14.80 -13.65
CA LEU A 57 -19.00 14.20 -14.78
C LEU A 57 -19.39 12.73 -14.92
N PRO A 58 -19.53 12.22 -16.14
CA PRO A 58 -19.88 10.81 -16.30
C PRO A 58 -18.74 9.83 -16.01
N VAL A 59 -18.67 9.33 -14.78
CA VAL A 59 -17.66 8.35 -14.39
C VAL A 59 -18.32 7.07 -13.83
N ARG A 60 -17.86 5.90 -14.28
CA ARG A 60 -18.31 4.59 -13.84
C ARG A 60 -17.41 4.12 -12.69
N TYR A 61 -17.94 4.15 -11.46
CA TYR A 61 -17.19 3.78 -10.24
C TYR A 61 -17.26 2.29 -10.00
N MET A 62 -16.16 1.59 -10.26
CA MET A 62 -16.09 0.15 -10.11
C MET A 62 -15.69 -0.27 -8.68
N THR A 63 -16.43 0.26 -7.69
CA THR A 63 -16.23 0.03 -6.26
C THR A 63 -17.53 0.21 -5.48
N THR A 64 -17.71 -0.55 -4.37
CA THR A 64 -18.89 -0.37 -3.52
C THR A 64 -18.72 0.76 -2.49
N ALA A 65 -17.55 1.43 -2.45
CA ALA A 65 -17.29 2.55 -1.55
C ALA A 65 -18.07 3.82 -1.96
N VAL A 66 -18.58 3.86 -3.20
CA VAL A 66 -19.35 4.95 -3.77
C VAL A 66 -20.77 4.40 -4.08
N ASN A 67 -21.81 5.15 -3.68
CA ASN A 67 -23.18 4.73 -3.95
C ASN A 67 -23.76 5.59 -5.06
N VAL A 68 -23.55 5.18 -6.32
CA VAL A 68 -24.06 5.91 -7.49
C VAL A 68 -24.78 4.99 -8.45
N THR A 69 -25.79 5.54 -9.15
CA THR A 69 -26.53 4.80 -10.16
C THR A 69 -25.99 5.25 -11.53
N HIS A 70 -25.23 4.39 -12.20
CA HIS A 70 -24.63 4.74 -13.49
C HIS A 70 -25.63 4.80 -14.65
N SER A 71 -25.32 5.63 -15.65
CA SER A 71 -26.16 5.79 -16.84
C SER A 71 -25.91 4.69 -17.90
N GLY A 72 -24.77 4.01 -17.82
CA GLY A 72 -24.39 3.00 -18.79
C GLY A 72 -23.60 3.54 -19.97
N THR A 73 -23.56 4.87 -20.15
CA THR A 73 -22.86 5.53 -21.25
C THR A 73 -21.56 6.23 -20.81
N GLU A 74 -20.89 5.70 -19.79
CA GLU A 74 -19.64 6.28 -19.32
C GLU A 74 -18.43 5.68 -20.07
N ILE A 75 -17.47 6.53 -20.48
CA ILE A 75 -16.22 6.05 -21.07
C ILE A 75 -15.00 6.25 -20.10
N VAL A 76 -15.27 6.70 -18.86
CA VAL A 76 -14.27 6.87 -17.81
C VAL A 76 -14.58 5.90 -16.67
N ASP A 77 -13.64 5.02 -16.35
CA ASP A 77 -13.79 4.05 -15.29
C ASP A 77 -12.91 4.45 -14.12
N LEU A 78 -13.36 4.20 -12.89
CA LEU A 78 -12.57 4.50 -11.71
C LEU A 78 -12.51 3.25 -10.83
N MET A 79 -11.30 2.81 -10.49
CA MET A 79 -11.11 1.65 -9.64
C MET A 79 -9.83 1.79 -8.80
N CYS A 80 -9.63 0.93 -7.79
CA CYS A 80 -8.42 0.95 -6.97
C CYS A 80 -7.21 0.37 -7.75
N HIS A 81 -5.95 0.72 -7.35
CA HIS A 81 -4.75 0.15 -8.01
C HIS A 81 -4.78 -1.39 -8.01
N ALA A 82 -5.15 -2.00 -6.85
CA ALA A 82 -5.26 -3.46 -6.62
C ALA A 82 -6.31 -4.14 -7.51
N THR A 83 -7.47 -3.48 -7.70
CA THR A 83 -8.55 -3.97 -8.56
C THR A 83 -8.09 -4.06 -10.02
N PHE A 84 -7.36 -3.04 -10.51
CA PHE A 84 -6.84 -3.04 -11.88
C PHE A 84 -5.94 -4.27 -12.13
N THR A 85 -4.96 -4.47 -11.22
CA THR A 85 -3.99 -5.58 -11.32
C THR A 85 -4.64 -6.94 -11.17
N SER A 86 -5.63 -7.03 -10.28
CA SER A 86 -6.37 -8.28 -10.07
C SER A 86 -7.20 -8.67 -11.32
N ARG A 87 -7.89 -7.70 -11.91
CA ARG A 87 -8.68 -7.97 -13.13
C ARG A 87 -7.78 -8.38 -14.29
N LEU A 88 -6.54 -7.80 -14.39
CA LEU A 88 -5.58 -8.16 -15.42
C LEU A 88 -5.20 -9.65 -15.29
N LEU A 89 -4.93 -10.12 -14.07
CA LEU A 89 -4.57 -11.49 -13.74
C LEU A 89 -5.71 -12.51 -13.97
N GLN A 90 -6.93 -12.14 -13.62
CA GLN A 90 -8.11 -13.00 -13.80
C GLN A 90 -8.54 -13.10 -15.26
N PRO A 91 -9.29 -14.17 -15.65
CA PRO A 91 -9.66 -14.31 -17.07
C PRO A 91 -10.69 -13.28 -17.58
N ILE A 92 -11.03 -12.26 -16.79
CA ILE A 92 -11.97 -11.22 -17.22
C ILE A 92 -11.32 -10.28 -18.27
N ARG A 93 -12.15 -9.73 -19.14
CA ARG A 93 -11.77 -8.83 -20.23
C ARG A 93 -11.58 -7.40 -19.68
N VAL A 94 -10.38 -6.85 -19.85
CA VAL A 94 -10.10 -5.49 -19.39
C VAL A 94 -9.93 -4.64 -20.64
N PRO A 95 -10.64 -3.51 -20.77
CA PRO A 95 -10.47 -2.66 -21.96
C PRO A 95 -9.02 -2.19 -22.14
N ASN A 96 -8.62 -1.92 -23.39
CA ASN A 96 -7.30 -1.36 -23.65
C ASN A 96 -7.46 0.16 -23.56
N TYR A 97 -7.36 0.72 -22.32
CA TYR A 97 -7.52 2.16 -22.09
C TYR A 97 -6.53 3.06 -22.87
N ASN A 98 -7.08 4.09 -23.56
CA ASN A 98 -6.28 5.06 -24.33
C ASN A 98 -5.55 6.03 -23.39
N LEU A 99 -6.17 6.35 -22.23
CA LEU A 99 -5.60 7.24 -21.20
C LEU A 99 -5.65 6.53 -19.81
N ASN A 100 -4.47 6.39 -19.16
CA ASN A 100 -4.35 5.75 -17.86
C ASN A 100 -3.88 6.78 -16.80
N ILE A 101 -4.77 7.20 -15.89
CA ILE A 101 -4.39 8.16 -14.84
C ILE A 101 -4.19 7.46 -13.49
N MET A 102 -2.97 7.52 -12.91
CA MET A 102 -2.74 6.93 -11.59
C MET A 102 -2.58 8.01 -10.52
N ASP A 103 -3.51 8.10 -9.56
CA ASP A 103 -3.34 9.06 -8.45
C ASP A 103 -2.52 8.39 -7.34
N GLU A 104 -1.73 9.19 -6.57
CA GLU A 104 -0.82 8.75 -5.49
C GLU A 104 0.07 7.65 -6.03
N ALA A 105 0.72 7.95 -7.18
CA ALA A 105 1.52 6.98 -7.93
C ALA A 105 2.84 6.56 -7.25
N HIS A 106 3.10 7.06 -6.04
CA HIS A 106 4.28 6.64 -5.27
C HIS A 106 4.03 5.32 -4.49
N PHE A 107 2.76 4.85 -4.36
CA PHE A 107 2.41 3.65 -3.60
C PHE A 107 3.30 2.44 -3.98
N THR A 108 3.98 1.85 -2.95
CA THR A 108 4.93 0.76 -3.15
C THR A 108 4.39 -0.65 -2.86
N ASP A 109 3.08 -0.84 -2.72
CA ASP A 109 2.52 -2.18 -2.56
C ASP A 109 2.69 -2.95 -3.90
N PRO A 110 2.91 -4.28 -3.86
CA PRO A 110 3.18 -5.03 -5.10
C PRO A 110 2.22 -4.78 -6.25
N SER A 111 0.91 -4.71 -5.99
CA SER A 111 -0.08 -4.46 -7.03
C SER A 111 0.04 -3.08 -7.71
N SER A 112 0.52 -2.07 -6.97
CA SER A 112 0.71 -0.72 -7.51
C SER A 112 1.93 -0.68 -8.44
N ILE A 113 3.07 -1.23 -7.98
CA ILE A 113 4.29 -1.33 -8.78
C ILE A 113 3.98 -2.09 -10.10
N ALA A 114 3.19 -3.20 -10.01
CA ALA A 114 2.81 -4.00 -11.19
C ALA A 114 1.95 -3.19 -12.18
N ALA A 115 0.95 -2.42 -11.68
CA ALA A 115 0.12 -1.55 -12.50
C ALA A 115 1.02 -0.51 -13.26
N ARG A 116 1.97 0.14 -12.55
CA ARG A 116 2.90 1.11 -13.16
C ARG A 116 3.74 0.46 -14.26
N GLY A 117 4.16 -0.77 -14.03
CA GLY A 117 4.94 -1.52 -15.03
C GLY A 117 4.12 -1.80 -16.30
N TYR A 118 2.91 -2.37 -16.10
CA TYR A 118 2.00 -2.66 -17.19
C TYR A 118 1.67 -1.44 -18.03
N ILE A 119 1.22 -0.31 -17.38
CA ILE A 119 0.87 0.92 -18.05
C ILE A 119 2.06 1.54 -18.80
N SER A 120 3.22 1.73 -18.13
CA SER A 120 4.38 2.33 -18.79
C SER A 120 4.90 1.49 -19.98
N THR A 121 4.68 0.17 -19.95
CA THR A 121 5.08 -0.68 -21.08
C THR A 121 4.18 -0.42 -22.29
N ARG A 122 2.86 -0.33 -22.06
CA ARG A 122 1.89 -0.02 -23.12
C ARG A 122 2.21 1.35 -23.75
N VAL A 123 2.62 2.33 -22.92
CA VAL A 123 3.00 3.66 -23.39
C VAL A 123 4.29 3.56 -24.23
N GLU A 124 5.29 2.81 -23.76
CA GLU A 124 6.54 2.61 -24.50
C GLU A 124 6.28 1.94 -25.86
N MET A 125 5.34 1.00 -25.93
CA MET A 125 4.94 0.33 -27.16
C MET A 125 4.19 1.25 -28.16
N GLY A 126 3.74 2.43 -27.72
CA GLY A 126 3.01 3.37 -28.54
C GLY A 126 1.52 3.10 -28.60
N GLU A 127 0.98 2.41 -27.61
CA GLU A 127 -0.45 2.07 -27.60
C GLU A 127 -1.30 3.00 -26.78
N ALA A 128 -0.71 3.68 -25.78
CA ALA A 128 -1.50 4.46 -24.85
C ALA A 128 -0.77 5.71 -24.30
N ALA A 129 -1.50 6.61 -23.62
CA ALA A 129 -0.96 7.75 -22.88
C ALA A 129 -1.15 7.43 -21.35
N ALA A 130 -0.40 8.11 -20.49
CA ALA A 130 -0.49 7.91 -19.05
C ALA A 130 -0.08 9.15 -18.29
N ILE A 131 -0.74 9.38 -17.15
CA ILE A 131 -0.43 10.46 -16.23
C ILE A 131 -0.21 9.87 -14.79
N PHE A 132 1.00 10.02 -14.23
CA PHE A 132 1.28 9.54 -12.88
C PHE A 132 1.24 10.76 -11.96
N MET A 133 0.29 10.79 -11.02
CA MET A 133 0.14 11.92 -10.13
C MET A 133 0.74 11.63 -8.75
N THR A 134 1.86 12.31 -8.43
CA THR A 134 2.54 12.24 -7.14
C THR A 134 3.53 13.39 -6.96
N ALA A 135 3.66 13.88 -5.72
CA ALA A 135 4.66 14.86 -5.38
C ALA A 135 6.05 14.20 -5.27
N THR A 136 6.12 12.86 -5.06
CA THR A 136 7.37 12.14 -4.84
C THR A 136 7.57 10.98 -5.81
N PRO A 137 8.02 11.30 -7.04
CA PRO A 137 8.28 10.22 -8.01
C PRO A 137 9.42 9.29 -7.59
N PRO A 138 9.53 8.08 -8.18
CA PRO A 138 10.59 7.15 -7.76
C PRO A 138 12.01 7.71 -7.85
N GLY A 139 12.75 7.58 -6.75
CA GLY A 139 14.12 8.07 -6.69
C GLY A 139 14.29 9.50 -6.19
N THR A 140 13.22 10.13 -5.66
CA THR A 140 13.34 11.48 -5.13
C THR A 140 14.29 11.50 -3.92
N ARG A 141 15.10 12.55 -3.85
CA ARG A 141 16.09 12.71 -2.79
C ARG A 141 15.79 13.88 -1.86
N ASP A 142 14.62 14.53 -2.01
CA ASP A 142 14.26 15.69 -1.19
C ASP A 142 13.14 15.31 -0.24
N ALA A 143 13.45 15.22 1.06
CA ALA A 143 12.43 14.89 2.05
C ALA A 143 11.70 16.17 2.57
N PHE A 144 12.16 17.38 2.20
CA PHE A 144 11.47 18.63 2.61
C PHE A 144 10.99 19.46 1.42
N PRO A 145 9.99 18.97 0.64
CA PRO A 145 9.49 19.76 -0.49
C PRO A 145 8.64 20.97 -0.05
N ASP A 146 8.15 21.75 -1.03
CA ASP A 146 7.32 22.94 -0.80
C ASP A 146 5.95 22.55 -0.20
N SER A 147 5.25 23.54 0.40
CA SER A 147 3.93 23.32 0.98
C SER A 147 3.05 24.58 0.86
N ASN A 148 1.73 24.48 1.12
CA ASN A 148 0.81 25.63 1.06
C ASN A 148 1.13 26.69 2.11
N SER A 149 1.67 26.30 3.25
CA SER A 149 2.09 27.24 4.30
C SER A 149 3.40 26.75 4.97
N PRO A 150 4.19 27.66 5.58
CA PRO A 150 5.46 27.23 6.17
C PRO A 150 5.33 26.18 7.28
N ILE A 151 6.29 25.27 7.33
CA ILE A 151 6.34 24.20 8.33
C ILE A 151 7.59 24.39 9.23
N MET A 152 7.49 24.09 10.54
CA MET A 152 8.66 24.18 11.42
C MET A 152 9.23 22.74 11.47
N ASP A 153 10.39 22.50 10.86
CA ASP A 153 11.03 21.17 10.83
C ASP A 153 12.01 21.00 12.01
N THR A 154 11.84 19.96 12.84
CA THR A 154 12.71 19.74 13.99
C THR A 154 13.23 18.33 14.13
N GLU A 155 14.56 18.14 14.05
CA GLU A 155 15.15 16.82 14.26
C GLU A 155 15.13 16.60 15.77
N VAL A 156 14.50 15.51 16.24
CA VAL A 156 14.37 15.25 17.67
C VAL A 156 14.26 13.74 17.94
N GLU A 157 14.68 13.27 19.16
CA GLU A 157 14.55 11.87 19.55
C GLU A 157 13.07 11.56 19.79
N VAL A 158 12.55 10.57 19.08
CA VAL A 158 11.15 10.18 19.16
C VAL A 158 11.02 8.83 19.86
N PRO A 159 10.16 8.74 20.89
CA PRO A 159 9.99 7.44 21.58
C PRO A 159 9.40 6.37 20.70
N GLU A 160 9.93 5.15 20.79
CA GLU A 160 9.40 4.00 20.07
C GLU A 160 8.86 2.90 21.02
N ARG A 161 8.83 3.19 22.34
CA ARG A 161 8.34 2.32 23.41
C ARG A 161 7.58 3.24 24.39
N ALA A 162 6.91 2.66 25.42
CA ALA A 162 6.25 3.48 26.44
C ALA A 162 7.32 4.26 27.21
N TRP A 163 6.98 5.44 27.75
CA TRP A 163 7.96 6.26 28.47
C TRP A 163 7.34 6.88 29.71
N SER A 164 8.18 7.18 30.71
CA SER A 164 7.71 7.84 31.92
C SER A 164 8.18 9.29 31.95
N SER A 165 9.41 9.54 31.48
CA SER A 165 9.98 10.88 31.48
C SER A 165 10.90 11.14 30.26
N GLY A 166 11.30 12.39 30.09
CA GLY A 166 12.21 12.77 29.02
C GLY A 166 11.59 13.20 27.69
N PHE A 167 10.26 13.10 27.53
CA PHE A 167 9.61 13.51 26.27
C PHE A 167 8.37 14.41 26.51
N ASP A 168 8.49 15.37 27.45
CA ASP A 168 7.39 16.29 27.82
C ASP A 168 6.73 16.98 26.62
N TRP A 169 7.51 17.33 25.59
CA TRP A 169 7.02 18.02 24.38
C TRP A 169 5.89 17.24 23.67
N VAL A 170 5.92 15.90 23.74
CA VAL A 170 4.91 15.06 23.12
C VAL A 170 3.54 15.28 23.73
N THR A 171 3.45 15.23 25.07
CA THR A 171 2.15 15.34 25.74
C THR A 171 1.77 16.78 26.08
N ASP A 172 2.73 17.73 26.11
CA ASP A 172 2.41 19.12 26.41
C ASP A 172 1.71 19.88 25.27
N HIS A 173 1.56 19.28 24.10
CA HIS A 173 0.90 19.88 22.94
C HIS A 173 -0.62 19.92 23.11
N SER A 174 -1.26 21.01 22.68
CA SER A 174 -2.72 21.14 22.82
C SER A 174 -3.49 21.06 21.49
N GLY A 175 -2.87 20.51 20.45
CA GLY A 175 -3.53 20.38 19.15
C GLY A 175 -3.72 18.94 18.76
N LYS A 176 -3.79 18.65 17.45
CA LYS A 176 -3.96 17.27 16.98
C LYS A 176 -2.70 16.81 16.29
N THR A 177 -2.24 15.58 16.62
CA THR A 177 -0.99 15.03 16.09
C THR A 177 -1.22 13.73 15.31
N VAL A 178 -0.51 13.57 14.18
CA VAL A 178 -0.50 12.30 13.44
C VAL A 178 0.91 11.73 13.67
N TRP A 179 1.02 10.52 14.20
CA TRP A 179 2.31 9.93 14.53
C TRP A 179 2.53 8.69 13.68
N PHE A 180 3.64 8.65 12.93
CA PHE A 180 3.93 7.49 12.06
C PHE A 180 4.86 6.53 12.78
N VAL A 181 4.40 5.30 12.97
CA VAL A 181 5.18 4.24 13.63
C VAL A 181 5.60 3.16 12.63
N PRO A 182 6.64 2.36 12.95
CA PRO A 182 7.09 1.33 11.99
C PRO A 182 6.24 0.06 11.89
N SER A 183 5.35 -0.20 12.88
CA SER A 183 4.52 -1.43 12.89
C SER A 183 3.28 -1.30 13.78
N VAL A 184 2.27 -2.17 13.54
CA VAL A 184 1.03 -2.22 14.35
C VAL A 184 1.37 -2.48 15.85
N ARG A 185 2.23 -3.48 16.12
CA ARG A 185 2.66 -3.80 17.49
C ARG A 185 3.33 -2.63 18.20
N ASN A 186 4.16 -1.83 17.47
CA ASN A 186 4.81 -0.66 18.08
CA ASN A 186 4.82 -0.64 18.01
C ASN A 186 3.79 0.46 18.33
N GLY A 187 2.81 0.59 17.45
CA GLY A 187 1.76 1.58 17.63
C GLY A 187 0.89 1.24 18.83
N ASN A 188 0.61 -0.08 19.09
CA ASN A 188 -0.17 -0.52 20.25
C ASN A 188 0.46 -0.03 21.57
N GLU A 189 1.78 -0.19 21.73
CA GLU A 189 2.50 0.23 22.94
C GLU A 189 2.44 1.75 23.18
N ILE A 190 2.68 2.54 22.11
CA ILE A 190 2.65 4.01 22.19
C ILE A 190 1.22 4.48 22.43
N ALA A 191 0.23 3.83 21.79
CA ALA A 191 -1.17 4.22 21.99
C ALA A 191 -1.58 3.98 23.43
N ALA A 192 -1.16 2.85 24.02
CA ALA A 192 -1.48 2.51 25.42
C ALA A 192 -0.89 3.52 26.41
N CYS A 193 0.34 3.98 26.13
CA CYS A 193 1.04 4.97 26.93
C CYS A 193 0.29 6.32 26.89
N LEU A 194 -0.13 6.74 25.67
CA LEU A 194 -0.87 7.99 25.48
C LEU A 194 -2.26 7.93 26.09
N THR A 195 -2.94 6.78 25.99
CA THR A 195 -4.26 6.61 26.60
C THR A 195 -4.15 6.71 28.13
N LYS A 196 -3.12 6.09 28.73
CA LYS A 196 -2.88 6.15 30.17
C LYS A 196 -2.64 7.60 30.62
N ALA A 197 -2.04 8.45 29.75
CA ALA A 197 -1.82 9.86 30.09
C ALA A 197 -3.05 10.77 29.87
N GLY A 198 -4.17 10.21 29.46
CA GLY A 198 -5.42 10.93 29.26
C GLY A 198 -5.69 11.41 27.84
N LYS A 199 -4.98 10.85 26.85
CA LYS A 199 -5.19 11.26 25.45
C LYS A 199 -6.19 10.36 24.73
N ARG A 200 -6.95 10.92 23.78
CA ARG A 200 -7.89 10.14 22.96
C ARG A 200 -7.14 9.73 21.71
N VAL A 201 -6.93 8.42 21.53
CA VAL A 201 -6.13 7.90 20.44
C VAL A 201 -6.92 7.03 19.46
N ILE A 202 -6.69 7.21 18.14
CA ILE A 202 -7.23 6.38 17.07
C ILE A 202 -6.03 5.68 16.40
N GLN A 203 -6.15 4.38 16.05
CA GLN A 203 -5.06 3.68 15.37
C GLN A 203 -5.48 3.27 13.96
N LEU A 204 -4.55 3.40 12.97
CA LEU A 204 -4.78 3.07 11.57
C LEU A 204 -3.71 2.14 11.06
N SER A 205 -4.11 1.16 10.26
CA SER A 205 -3.25 0.18 9.63
C SER A 205 -3.95 -0.30 8.33
N ARG A 206 -3.24 -1.05 7.46
CA ARG A 206 -3.83 -1.51 6.20
C ARG A 206 -5.23 -2.16 6.33
N LYS A 207 -5.38 -3.13 7.23
CA LYS A 207 -6.64 -3.86 7.41
C LYS A 207 -7.77 -3.04 8.01
N THR A 208 -7.47 -2.12 8.93
CA THR A 208 -8.52 -1.34 9.59
C THR A 208 -8.80 0.03 8.98
N PHE A 209 -7.99 0.46 8.00
CA PHE A 209 -8.02 1.79 7.39
C PHE A 209 -9.41 2.39 7.09
N GLU A 210 -10.24 1.83 6.16
CA GLU A 210 -11.54 2.45 5.86
C GLU A 210 -12.45 2.65 7.06
N THR A 211 -12.53 1.61 7.91
CA THR A 211 -13.38 1.67 9.10
C THR A 211 -12.92 2.70 10.13
N GLU A 212 -11.64 2.63 10.52
CA GLU A 212 -11.11 3.54 11.53
C GLU A 212 -10.88 4.97 11.06
N PHE A 213 -10.66 5.20 9.73
CA PHE A 213 -10.42 6.54 9.21
C PHE A 213 -11.67 7.43 9.40
N GLN A 214 -12.87 6.85 9.27
CA GLN A 214 -14.13 7.56 9.49
C GLN A 214 -14.18 8.21 10.87
N LYS A 215 -13.53 7.58 11.89
CA LYS A 215 -13.47 8.09 13.27
C LYS A 215 -12.73 9.41 13.41
N THR A 216 -11.79 9.69 12.48
CA THR A 216 -11.07 10.97 12.46
C THR A 216 -12.03 12.13 12.10
N LYS A 217 -13.16 11.83 11.45
CA LYS A 217 -14.19 12.80 11.08
C LYS A 217 -15.34 12.79 12.12
N ASN A 218 -15.79 11.59 12.54
CA ASN A 218 -16.92 11.40 13.47
C ASN A 218 -16.68 11.73 14.95
N GLN A 219 -15.42 11.71 15.43
CA GLN A 219 -15.18 11.95 16.86
C GLN A 219 -13.95 12.82 17.16
N GLU A 220 -13.87 13.35 18.38
CA GLU A 220 -12.76 14.18 18.82
C GLU A 220 -11.56 13.33 19.21
N TRP A 221 -10.39 13.73 18.74
CA TRP A 221 -9.16 13.01 19.00
C TRP A 221 -7.99 13.93 19.27
N ASP A 222 -6.96 13.40 19.90
CA ASP A 222 -5.73 14.10 20.22
C ASP A 222 -4.59 13.52 19.36
N PHE A 223 -4.55 12.18 19.19
CA PHE A 223 -3.49 11.54 18.41
C PHE A 223 -4.05 10.49 17.48
N VAL A 224 -3.42 10.36 16.31
CA VAL A 224 -3.69 9.29 15.34
C VAL A 224 -2.36 8.52 15.24
N ILE A 225 -2.35 7.24 15.59
CA ILE A 225 -1.16 6.42 15.47
C ILE A 225 -1.35 5.64 14.20
N THR A 226 -0.44 5.80 13.22
CA THR A 226 -0.60 5.14 11.95
C THR A 226 0.67 4.50 11.43
N THR A 227 0.47 3.45 10.60
CA THR A 227 1.57 2.83 9.87
C THR A 227 1.76 3.71 8.56
N ASP A 228 2.59 3.26 7.63
CA ASP A 228 2.88 3.95 6.38
C ASP A 228 1.67 4.10 5.43
N ILE A 229 0.51 3.42 5.67
CA ILE A 229 -0.66 3.56 4.77
C ILE A 229 -1.18 5.02 4.67
N SER A 230 -0.99 5.81 5.74
CA SER A 230 -1.42 7.20 5.72
C SER A 230 -0.56 8.12 4.82
N GLU A 231 0.47 7.57 4.14
CA GLU A 231 1.29 8.32 3.15
C GLU A 231 0.53 8.44 1.78
N MET A 232 -0.57 7.69 1.60
CA MET A 232 -1.31 7.61 0.34
C MET A 232 -2.58 8.46 0.27
N GLY A 233 -2.46 9.77 0.48
CA GLY A 233 -3.58 10.68 0.32
C GLY A 233 -4.48 10.93 1.50
N ALA A 234 -4.25 10.24 2.65
CA ALA A 234 -5.05 10.42 3.86
C ALA A 234 -4.97 11.87 4.33
N ASN A 235 -6.11 12.55 4.46
CA ASN A 235 -6.10 13.94 4.89
C ASN A 235 -6.60 14.09 6.30
N PHE A 236 -5.86 14.85 7.11
CA PHE A 236 -6.21 15.09 8.50
C PHE A 236 -6.31 16.60 8.77
N LYS A 237 -7.05 16.99 9.81
CA LYS A 237 -7.16 18.40 10.18
C LYS A 237 -6.23 18.58 11.40
N ALA A 238 -4.94 18.28 11.23
CA ALA A 238 -3.96 18.28 12.32
C ALA A 238 -2.96 19.46 12.25
N ASP A 239 -2.23 19.73 13.34
CA ASP A 239 -1.21 20.78 13.33
C ASP A 239 0.21 20.26 13.58
N ARG A 240 0.40 18.94 13.76
CA ARG A 240 1.71 18.40 14.03
C ARG A 240 1.84 16.97 13.48
N VAL A 241 3.04 16.59 13.04
CA VAL A 241 3.37 15.24 12.63
C VAL A 241 4.61 14.84 13.42
N ILE A 242 4.52 13.70 14.10
CA ILE A 242 5.66 13.12 14.79
C ILE A 242 6.01 11.92 13.88
N ASP A 243 7.24 11.87 13.38
CA ASP A 243 7.65 10.82 12.46
C ASP A 243 8.85 10.09 13.00
N SER A 244 8.69 8.81 13.35
CA SER A 244 9.83 8.02 13.83
C SER A 244 10.91 7.86 12.74
N ARG A 245 10.53 8.08 11.42
CA ARG A 245 11.36 7.95 10.22
C ARG A 245 11.82 6.49 10.03
N ARG A 246 11.05 5.53 10.56
CA ARG A 246 11.39 4.11 10.52
C ARG A 246 10.24 3.27 9.97
N CYS A 247 10.59 2.13 9.40
CA CYS A 247 9.63 1.24 8.78
C CYS A 247 10.18 -0.18 8.84
N LEU A 248 9.31 -1.18 8.64
CA LEU A 248 9.76 -2.58 8.51
C LEU A 248 9.95 -2.88 7.04
N LYS A 249 10.84 -3.81 6.72
CA LYS A 249 11.13 -4.16 5.34
C LYS A 249 11.08 -5.68 5.14
N PRO A 250 10.14 -6.21 4.32
CA PRO A 250 10.14 -7.66 4.03
C PRO A 250 11.33 -8.02 3.15
N VAL A 251 12.14 -9.01 3.60
CA VAL A 251 13.34 -9.43 2.90
C VAL A 251 13.30 -10.96 2.61
N ILE A 252 13.57 -11.36 1.38
CA ILE A 252 13.63 -12.77 1.03
C ILE A 252 15.06 -13.27 1.29
N LEU A 253 15.22 -14.20 2.23
CA LEU A 253 16.56 -14.75 2.56
C LEU A 253 16.77 -16.09 1.88
N ASP A 254 17.92 -16.28 1.23
CA ASP A 254 18.27 -17.53 0.54
C ASP A 254 17.22 -18.02 -0.46
N GLY A 255 16.29 -17.16 -0.86
CA GLY A 255 15.18 -17.52 -1.74
C GLY A 255 14.19 -18.49 -1.14
N GLU A 256 14.26 -18.73 0.18
CA GLU A 256 13.43 -19.75 0.86
C GLU A 256 12.51 -19.27 1.99
N ARG A 257 12.64 -18.02 2.44
CA ARG A 257 11.78 -17.50 3.52
C ARG A 257 11.72 -15.97 3.48
N VAL A 258 10.66 -15.38 4.05
CA VAL A 258 10.53 -13.92 4.12
C VAL A 258 10.62 -13.51 5.60
N ILE A 259 11.52 -12.57 5.93
CA ILE A 259 11.61 -12.05 7.28
C ILE A 259 11.22 -10.56 7.27
N LEU A 260 10.86 -10.01 8.43
CA LEU A 260 10.52 -8.58 8.52
C LEU A 260 11.69 -7.87 9.17
N ALA A 261 12.64 -7.38 8.34
CA ALA A 261 13.86 -6.74 8.78
C ALA A 261 13.62 -5.33 9.32
N GLY A 262 14.41 -4.94 10.30
CA GLY A 262 14.30 -3.61 10.86
C GLY A 262 13.77 -3.55 12.27
N PRO A 263 13.19 -2.40 12.69
CA PRO A 263 12.93 -1.16 11.94
C PRO A 263 14.18 -0.52 11.34
N MET A 264 14.01 0.09 10.16
CA MET A 264 15.08 0.76 9.44
C MET A 264 14.58 2.08 8.79
N PRO A 265 15.50 2.97 8.35
CA PRO A 265 15.05 4.25 7.77
C PRO A 265 14.09 4.17 6.59
N VAL A 266 13.18 5.14 6.54
CA VAL A 266 12.26 5.23 5.42
C VAL A 266 13.00 5.88 4.22
N THR A 267 12.42 5.82 3.02
CA THR A 267 12.96 6.53 1.86
C THR A 267 12.62 8.02 2.02
N HIS A 268 13.29 8.89 1.21
CA HIS A 268 13.01 10.33 1.15
C HIS A 268 11.57 10.57 0.72
N ALA A 269 11.06 9.75 -0.23
CA ALA A 269 9.68 9.82 -0.71
C ALA A 269 8.69 9.61 0.44
N SER A 270 8.92 8.57 1.30
CA SER A 270 8.04 8.32 2.45
C SER A 270 8.12 9.47 3.47
N ALA A 271 9.33 9.96 3.77
CA ALA A 271 9.49 11.07 4.72
C ALA A 271 8.74 12.31 4.25
N ALA A 272 8.86 12.65 2.96
CA ALA A 272 8.18 13.80 2.40
C ALA A 272 6.66 13.63 2.40
N GLN A 273 6.16 12.41 2.12
CA GLN A 273 4.71 12.14 2.19
C GLN A 273 4.15 12.23 3.62
N ARG A 274 4.91 11.74 4.63
CA ARG A 274 4.51 11.79 6.04
C ARG A 274 4.52 13.26 6.48
N ARG A 275 5.58 14.02 6.12
CA ARG A 275 5.62 15.45 6.46
C ARG A 275 4.47 16.21 5.77
N GLY A 276 4.15 15.80 4.53
CA GLY A 276 3.09 16.36 3.70
C GLY A 276 1.68 16.31 4.24
N ARG A 277 1.43 15.59 5.36
CA ARG A 277 0.07 15.60 5.97
C ARG A 277 -0.21 16.99 6.60
N ILE A 278 0.85 17.79 6.92
CA ILE A 278 0.64 19.10 7.54
C ILE A 278 1.20 20.23 6.64
N GLY A 279 0.93 21.48 6.98
CA GLY A 279 1.32 22.63 6.17
C GLY A 279 0.43 22.79 4.95
N ARG A 280 -0.77 22.14 4.94
CA ARG A 280 -1.70 22.12 3.83
C ARG A 280 -2.67 23.30 3.78
N ASN A 281 -2.86 24.03 4.90
CA ASN A 281 -3.77 25.19 4.96
C ASN A 281 -2.96 26.49 4.88
N PRO A 282 -3.12 27.23 3.78
CA PRO A 282 -2.36 28.49 3.62
C PRO A 282 -2.67 29.56 4.68
N ASN A 283 -3.83 29.45 5.35
CA ASN A 283 -4.18 30.37 6.43
C ASN A 283 -3.63 29.94 7.80
N LYS A 284 -2.98 28.75 7.91
CA LYS A 284 -2.43 28.26 9.18
C LYS A 284 -0.94 27.97 9.11
N PRO A 285 -0.09 29.00 9.21
CA PRO A 285 1.36 28.74 9.18
C PRO A 285 1.87 28.17 10.51
N GLY A 286 3.00 27.48 10.46
CA GLY A 286 3.60 26.96 11.67
C GLY A 286 3.19 25.57 12.15
N ASP A 287 2.67 24.70 11.25
CA ASP A 287 2.45 23.31 11.64
C ASP A 287 3.84 22.68 11.90
N GLU A 288 3.93 21.78 12.87
CA GLU A 288 5.22 21.21 13.24
C GLU A 288 5.48 19.83 12.65
N TYR A 289 6.74 19.54 12.31
CA TYR A 289 7.16 18.21 11.83
C TYR A 289 8.39 17.77 12.63
N MET A 290 8.19 16.87 13.59
CA MET A 290 9.28 16.37 14.44
C MET A 290 9.72 15.01 13.93
N TYR A 291 10.98 14.87 13.51
CA TYR A 291 11.47 13.63 12.94
C TYR A 291 12.63 13.03 13.75
N GLY A 292 12.58 11.71 13.97
CA GLY A 292 13.53 10.99 14.82
C GLY A 292 14.60 10.13 14.18
N GLY A 293 14.96 10.42 12.94
CA GLY A 293 16.00 9.69 12.22
C GLY A 293 16.21 10.20 10.81
N GLY A 294 17.19 9.64 10.11
CA GLY A 294 17.49 10.05 8.74
C GLY A 294 16.84 9.15 7.70
N CYS A 295 16.98 9.50 6.41
CA CYS A 295 16.43 8.69 5.30
C CYS A 295 17.52 7.85 4.65
N ALA A 296 17.10 6.79 3.97
CA ALA A 296 17.98 5.93 3.22
C ALA A 296 17.14 5.25 2.11
N GLU A 297 17.83 4.70 1.08
CA GLU A 297 17.09 4.05 0.01
CA GLU A 297 17.20 4.03 -0.05
C GLU A 297 16.89 2.57 0.34
N THR A 298 15.93 2.35 1.27
CA THR A 298 15.60 1.01 1.76
C THR A 298 14.61 0.26 0.85
N ASP A 299 14.27 0.81 -0.33
CA ASP A 299 13.47 0.06 -1.29
C ASP A 299 14.34 -0.91 -2.11
N GLU A 300 15.68 -0.80 -2.05
CA GLU A 300 16.56 -1.72 -2.78
C GLU A 300 16.54 -3.05 -2.05
N GLY A 301 16.17 -4.11 -2.73
CA GLY A 301 16.13 -5.43 -2.12
C GLY A 301 14.89 -5.73 -1.29
N HIS A 302 13.91 -4.80 -1.27
CA HIS A 302 12.65 -4.93 -0.56
C HIS A 302 11.82 -5.94 -1.36
N ALA A 303 11.22 -6.95 -0.70
CA ALA A 303 10.45 -8.02 -1.37
C ALA A 303 9.28 -7.56 -2.28
N HIS A 304 8.68 -6.36 -2.05
CA HIS A 304 7.57 -5.90 -2.86
C HIS A 304 7.94 -5.80 -4.36
N TRP A 305 9.20 -5.43 -4.69
CA TRP A 305 9.62 -5.30 -6.09
C TRP A 305 9.77 -6.67 -6.79
N LEU A 306 10.18 -7.69 -6.04
CA LEU A 306 10.25 -9.08 -6.54
C LEU A 306 8.79 -9.61 -6.71
N GLU A 307 7.91 -9.29 -5.73
CA GLU A 307 6.51 -9.71 -5.82
C GLU A 307 5.80 -9.05 -7.03
N ALA A 308 6.15 -7.79 -7.36
CA ALA A 308 5.61 -7.12 -8.56
C ALA A 308 6.01 -7.83 -9.86
N ARG A 309 7.23 -8.38 -9.94
CA ARG A 309 7.68 -9.17 -11.09
C ARG A 309 6.92 -10.49 -11.19
N MET A 310 6.59 -11.14 -10.04
CA MET A 310 5.79 -12.39 -10.01
C MET A 310 4.41 -12.11 -10.62
N LEU A 311 3.82 -10.93 -10.28
CA LEU A 311 2.53 -10.53 -10.81
C LEU A 311 2.61 -10.23 -12.35
N LEU A 312 3.62 -9.44 -12.82
CA LEU A 312 3.81 -9.07 -14.21
C LEU A 312 4.14 -10.26 -15.13
N ASP A 313 4.87 -11.25 -14.62
CA ASP A 313 5.16 -12.48 -15.38
C ASP A 313 3.91 -13.32 -15.64
N ASN A 314 2.82 -13.09 -14.89
CA ASN A 314 1.59 -13.83 -15.09
C ASN A 314 0.45 -12.96 -15.68
N ILE A 315 0.79 -11.83 -16.32
CA ILE A 315 -0.20 -10.99 -16.96
C ILE A 315 0.02 -11.03 -18.47
N TYR A 316 -1.03 -11.35 -19.25
CA TYR A 316 -0.89 -11.37 -20.70
C TYR A 316 -0.77 -9.95 -21.24
N LEU A 317 0.22 -9.73 -22.10
CA LEU A 317 0.43 -8.41 -22.71
C LEU A 317 0.22 -8.55 -24.24
N GLN A 318 1.03 -9.38 -24.90
CA GLN A 318 0.99 -9.65 -26.32
C GLN A 318 1.86 -10.88 -26.54
N ASP A 319 1.28 -11.96 -27.08
CA ASP A 319 1.94 -13.25 -27.33
C ASP A 319 2.85 -13.69 -26.12
N GLY A 320 4.17 -13.82 -26.31
CA GLY A 320 5.06 -14.20 -25.23
C GLY A 320 5.71 -13.04 -24.49
N LEU A 321 5.39 -11.79 -24.88
CA LEU A 321 5.96 -10.59 -24.25
C LEU A 321 5.48 -10.39 -22.82
N ILE A 322 6.35 -9.82 -22.00
CA ILE A 322 6.08 -9.60 -20.60
C ILE A 322 6.38 -8.15 -20.25
N ALA A 323 5.47 -7.48 -19.54
CA ALA A 323 5.67 -6.09 -19.15
C ALA A 323 6.88 -5.92 -18.21
N SER A 324 7.64 -4.88 -18.44
CA SER A 324 8.78 -4.53 -17.60
C SER A 324 8.29 -3.61 -16.47
N LEU A 325 9.09 -3.44 -15.41
CA LEU A 325 8.77 -2.48 -14.37
C LEU A 325 9.01 -1.07 -14.91
N TYR A 326 8.31 -0.06 -14.36
CA TYR A 326 8.51 1.35 -14.69
C TYR A 326 10.02 1.68 -14.49
N ARG A 327 10.68 2.15 -15.55
CA ARG A 327 12.12 2.40 -15.62
C ARG A 327 12.76 3.05 -14.34
N PRO A 328 12.24 4.14 -13.72
CA PRO A 328 12.88 4.67 -12.50
C PRO A 328 12.84 3.76 -11.27
N GLU A 329 12.06 2.67 -11.29
CA GLU A 329 12.03 1.73 -10.16
C GLU A 329 12.39 0.28 -10.57
N ALA A 330 12.92 0.08 -11.77
CA ALA A 330 13.26 -1.27 -12.27
C ALA A 330 14.54 -1.89 -11.67
N ASP A 331 15.44 -1.07 -11.08
CA ASP A 331 16.68 -1.61 -10.50
C ASP A 331 16.56 -2.04 -9.04
N LYS A 332 15.37 -1.86 -8.43
CA LYS A 332 15.17 -2.23 -7.04
C LYS A 332 15.19 -3.75 -6.80
N VAL A 333 15.07 -4.55 -7.87
CA VAL A 333 15.07 -6.00 -7.74
C VAL A 333 16.03 -6.65 -8.74
N ALA A 334 16.72 -7.72 -8.34
CA ALA A 334 17.57 -8.46 -9.28
C ALA A 334 16.68 -9.60 -9.76
N ALA A 335 16.06 -9.46 -10.95
CA ALA A 335 15.16 -10.50 -11.44
C ALA A 335 15.18 -10.68 -12.95
N ILE A 336 14.95 -11.91 -13.40
CA ILE A 336 14.94 -12.24 -14.81
C ILE A 336 13.49 -12.20 -15.30
N GLU A 337 13.14 -11.30 -16.25
CA GLU A 337 11.78 -11.23 -16.79
C GLU A 337 11.33 -12.58 -17.37
N GLY A 338 10.18 -13.04 -16.91
CA GLY A 338 9.62 -14.34 -17.28
C GLY A 338 9.94 -15.51 -16.36
N GLU A 339 10.86 -15.35 -15.38
CA GLU A 339 11.26 -16.46 -14.52
C GLU A 339 10.12 -16.99 -13.63
N PHE A 340 9.11 -16.13 -13.35
CA PHE A 340 7.95 -16.50 -12.52
C PHE A 340 6.72 -16.89 -13.33
N LYS A 341 6.83 -17.02 -14.66
CA LYS A 341 5.69 -17.37 -15.50
C LYS A 341 5.14 -18.78 -15.20
N LEU A 342 3.87 -18.87 -14.81
CA LEU A 342 3.27 -20.16 -14.49
C LEU A 342 2.39 -20.71 -15.60
N ARG A 343 2.23 -22.04 -15.66
CA ARG A 343 1.30 -22.65 -16.61
C ARG A 343 -0.16 -22.32 -16.14
N THR A 344 -1.12 -22.40 -17.06
CA THR A 344 -2.52 -22.01 -16.87
C THR A 344 -3.13 -22.50 -15.53
N GLU A 345 -2.96 -23.78 -15.19
CA GLU A 345 -3.54 -24.31 -13.95
C GLU A 345 -2.84 -23.79 -12.68
N GLN A 346 -1.50 -23.77 -12.65
CA GLN A 346 -0.79 -23.24 -11.46
C GLN A 346 -1.05 -21.75 -11.28
N ARG A 347 -1.27 -21.01 -12.39
CA ARG A 347 -1.54 -19.58 -12.37
C ARG A 347 -2.89 -19.32 -11.70
N LYS A 348 -3.89 -20.15 -11.98
CA LYS A 348 -5.21 -20.05 -11.38
C LYS A 348 -5.11 -20.32 -9.87
N THR A 349 -4.29 -21.31 -9.45
CA THR A 349 -4.05 -21.60 -8.03
C THR A 349 -3.40 -20.35 -7.37
N PHE A 350 -2.38 -19.72 -8.06
CA PHE A 350 -1.64 -18.55 -7.60
C PHE A 350 -2.60 -17.38 -7.30
N VAL A 351 -3.53 -17.15 -8.24
CA VAL A 351 -4.56 -16.10 -8.14
C VAL A 351 -5.53 -16.38 -6.99
N GLU A 352 -6.03 -17.62 -6.90
CA GLU A 352 -6.96 -17.94 -5.81
C GLU A 352 -6.30 -17.85 -4.41
N LEU A 353 -5.03 -18.25 -4.27
CA LEU A 353 -4.32 -18.12 -2.98
C LEU A 353 -4.17 -16.64 -2.55
N MET A 354 -4.09 -15.72 -3.51
CA MET A 354 -3.95 -14.30 -3.19
C MET A 354 -5.32 -13.68 -2.96
N LYS A 355 -6.27 -13.97 -3.84
CA LYS A 355 -7.60 -13.37 -3.78
C LYS A 355 -8.45 -13.94 -2.63
N ARG A 356 -8.68 -15.25 -2.63
CA ARG A 356 -9.47 -15.89 -1.58
C ARG A 356 -8.61 -16.22 -0.34
N GLY A 357 -7.43 -16.80 -0.53
CA GLY A 357 -6.56 -17.15 0.59
C GLY A 357 -6.01 -15.95 1.35
N ASP A 358 -5.96 -14.78 0.70
CA ASP A 358 -5.43 -13.52 1.26
C ASP A 358 -3.95 -13.64 1.66
N LEU A 359 -3.21 -14.57 1.04
CA LEU A 359 -1.79 -14.76 1.34
C LEU A 359 -0.89 -13.74 0.64
N PRO A 360 0.30 -13.42 1.21
CA PRO A 360 1.23 -12.55 0.48
C PRO A 360 1.60 -13.13 -0.88
N VAL A 361 1.92 -12.27 -1.86
CA VAL A 361 2.31 -12.69 -3.21
C VAL A 361 3.40 -13.80 -3.22
N TRP A 362 4.51 -13.57 -2.52
CA TRP A 362 5.65 -14.50 -2.48
C TRP A 362 5.22 -15.88 -1.99
N LEU A 363 4.46 -15.93 -0.86
CA LEU A 363 3.97 -17.18 -0.28
C LEU A 363 3.00 -17.88 -1.24
N ALA A 364 2.07 -17.15 -1.86
CA ALA A 364 1.15 -17.75 -2.87
C ALA A 364 1.94 -18.43 -4.02
N TYR A 365 3.04 -17.78 -4.46
CA TYR A 365 3.88 -18.28 -5.51
C TYR A 365 4.56 -19.59 -5.15
N GLN A 366 5.18 -19.70 -3.95
CA GLN A 366 5.82 -20.97 -3.53
C GLN A 366 4.82 -22.13 -3.54
N VAL A 367 3.58 -21.91 -3.02
CA VAL A 367 2.57 -22.97 -2.96
C VAL A 367 2.10 -23.39 -4.37
N ALA A 368 1.70 -22.43 -5.22
CA ALA A 368 1.24 -22.74 -6.59
C ALA A 368 2.33 -23.39 -7.50
N SER A 369 3.58 -22.89 -7.47
CA SER A 369 4.67 -23.45 -8.27
C SER A 369 5.10 -24.85 -7.84
N ALA A 370 4.78 -25.25 -6.60
CA ALA A 370 5.07 -26.60 -6.12
C ALA A 370 4.02 -27.66 -6.60
N GLY A 371 3.01 -27.23 -7.34
CA GLY A 371 1.97 -28.14 -7.84
C GLY A 371 0.87 -28.45 -6.83
N ILE A 372 0.76 -27.64 -5.77
CA ILE A 372 -0.24 -27.84 -4.73
C ILE A 372 -1.55 -27.15 -5.13
N THR A 373 -2.70 -27.80 -4.91
CA THR A 373 -4.00 -27.21 -5.22
C THR A 373 -4.48 -26.29 -4.06
N TYR A 374 -5.32 -25.32 -4.40
CA TYR A 374 -5.78 -24.30 -3.46
C TYR A 374 -6.24 -24.84 -2.07
N THR A 375 -7.12 -25.86 -2.04
CA THR A 375 -7.70 -26.40 -0.80
C THR A 375 -6.81 -27.38 -0.03
N ASP A 376 -5.68 -27.77 -0.59
CA ASP A 376 -4.76 -28.69 0.07
C ASP A 376 -3.83 -27.92 0.99
N ARG A 377 -4.03 -28.09 2.32
CA ARG A 377 -3.34 -27.36 3.39
C ARG A 377 -2.33 -28.18 4.17
N ARG A 378 -1.94 -29.35 3.64
CA ARG A 378 -0.97 -30.19 4.29
C ARG A 378 0.39 -29.47 4.47
N TRP A 379 0.75 -28.56 3.54
CA TRP A 379 1.98 -27.73 3.62
C TRP A 379 2.04 -26.82 4.88
N CYS A 380 0.87 -26.46 5.47
CA CYS A 380 0.85 -25.58 6.68
C CYS A 380 1.40 -26.30 7.95
N PHE A 381 1.62 -27.63 7.88
CA PHE A 381 2.04 -28.44 9.02
C PHE A 381 3.26 -29.31 8.79
N ASP A 382 3.88 -29.28 7.60
CA ASP A 382 4.99 -30.21 7.33
C ASP A 382 6.36 -29.56 7.16
N GLY A 383 6.54 -28.34 7.65
CA GLY A 383 7.83 -27.67 7.55
C GLY A 383 8.83 -28.10 8.61
N THR A 384 10.07 -27.59 8.53
CA THR A 384 11.11 -27.91 9.52
C THR A 384 10.74 -27.30 10.90
N THR A 385 11.32 -27.85 11.98
CA THR A 385 11.01 -27.37 13.34
C THR A 385 11.30 -25.88 13.54
N ASN A 386 12.27 -25.31 12.79
CA ASN A 386 12.57 -23.88 12.90
C ASN A 386 11.50 -22.99 12.22
N ASN A 387 10.56 -23.58 11.47
CA ASN A 387 9.44 -22.85 10.88
C ASN A 387 8.20 -22.81 11.78
N THR A 388 8.29 -23.32 13.02
CA THR A 388 7.18 -23.33 13.98
C THR A 388 6.77 -21.88 14.28
N ILE A 389 5.46 -21.57 14.18
CA ILE A 389 4.99 -20.23 14.46
C ILE A 389 4.64 -20.13 15.94
N MET A 390 5.15 -19.09 16.62
CA MET A 390 4.87 -18.93 18.05
C MET A 390 3.80 -17.90 18.34
N GLU A 391 2.94 -18.22 19.31
CA GLU A 391 1.90 -17.29 19.76
CA GLU A 391 1.86 -17.34 19.76
C GLU A 391 1.93 -17.26 21.28
N ASP A 392 2.20 -16.08 21.84
CA ASP A 392 2.30 -15.91 23.30
C ASP A 392 3.38 -16.82 23.92
N SER A 393 4.55 -16.88 23.27
CA SER A 393 5.75 -17.64 23.66
C SER A 393 5.59 -19.16 23.70
N VAL A 394 4.56 -19.69 23.02
CA VAL A 394 4.30 -21.14 22.93
C VAL A 394 3.84 -21.46 21.48
N PRO A 395 4.18 -22.62 20.87
CA PRO A 395 3.75 -22.90 19.50
C PRO A 395 2.26 -22.71 19.23
N ALA A 396 1.93 -22.05 18.12
CA ALA A 396 0.54 -21.82 17.73
C ALA A 396 -0.07 -23.17 17.30
N GLU A 397 -1.35 -23.41 17.65
CA GLU A 397 -1.99 -24.68 17.33
C GLU A 397 -3.36 -24.51 16.67
N VAL A 398 -3.70 -25.38 15.70
CA VAL A 398 -5.01 -25.33 15.06
C VAL A 398 -5.65 -26.73 14.95
N TRP A 399 -6.98 -26.77 14.76
CA TRP A 399 -7.64 -28.02 14.47
C TRP A 399 -7.69 -28.10 12.96
N THR A 400 -7.04 -29.10 12.39
CA THR A 400 -7.07 -29.30 10.95
C THR A 400 -8.49 -29.63 10.46
N LYS A 401 -8.73 -29.51 9.15
CA LYS A 401 -10.00 -29.87 8.53
C LYS A 401 -10.38 -31.36 8.76
N TYR A 402 -9.40 -32.22 9.16
CA TYR A 402 -9.62 -33.61 9.53
C TYR A 402 -10.06 -33.80 11.01
N GLY A 403 -10.03 -32.73 11.81
CA GLY A 403 -10.37 -32.78 13.22
C GLY A 403 -9.19 -33.10 14.11
N GLU A 404 -7.97 -32.96 13.62
CA GLU A 404 -6.76 -33.28 14.39
C GLU A 404 -6.09 -32.00 14.87
N LYS A 405 -5.64 -31.95 16.15
CA LYS A 405 -4.94 -30.74 16.65
C LYS A 405 -3.47 -30.80 16.27
N ARG A 406 -2.98 -29.80 15.52
CA ARG A 406 -1.60 -29.79 15.09
C ARG A 406 -0.91 -28.46 15.30
N VAL A 407 0.42 -28.52 15.47
CA VAL A 407 1.26 -27.34 15.58
C VAL A 407 1.46 -26.70 14.16
N LEU A 408 1.22 -25.39 14.07
CA LEU A 408 1.40 -24.59 12.86
C LEU A 408 2.92 -24.53 12.51
N LYS A 409 3.30 -25.16 11.39
CA LYS A 409 4.70 -25.27 11.01
C LYS A 409 4.78 -25.28 9.46
N PRO A 410 4.57 -24.11 8.82
CA PRO A 410 4.52 -24.10 7.34
C PRO A 410 5.83 -24.46 6.63
N ARG A 411 5.70 -25.18 5.50
CA ARG A 411 6.81 -25.58 4.62
C ARG A 411 7.62 -24.34 4.13
N TRP A 412 6.90 -23.20 3.91
CA TRP A 412 7.49 -21.91 3.53
C TRP A 412 7.03 -20.92 4.59
N MET A 413 8.02 -20.25 5.17
CA MET A 413 7.80 -19.30 6.23
C MET A 413 7.84 -17.86 5.73
N ASP A 414 6.75 -17.13 5.92
CA ASP A 414 6.67 -15.73 5.54
C ASP A 414 6.19 -14.97 6.79
N ALA A 415 7.05 -14.12 7.35
CA ALA A 415 6.80 -13.36 8.58
C ALA A 415 5.53 -12.52 8.56
N ARG A 416 5.04 -12.17 7.37
CA ARG A 416 3.82 -11.38 7.25
C ARG A 416 2.55 -12.12 7.68
N VAL A 417 2.53 -13.47 7.66
CA VAL A 417 1.33 -14.19 8.10
C VAL A 417 1.14 -14.20 9.63
N CYS A 418 2.10 -13.66 10.38
CA CYS A 418 2.02 -13.64 11.83
C CYS A 418 2.68 -12.38 12.41
N SER A 419 2.65 -11.25 11.68
CA SER A 419 3.28 -9.99 12.13
C SER A 419 2.50 -9.28 13.26
N ASP A 420 1.23 -9.63 13.44
CA ASP A 420 0.37 -9.09 14.49
C ASP A 420 -0.74 -10.11 14.88
N HIS A 421 -1.62 -9.77 15.86
CA HIS A 421 -2.66 -10.70 16.27
C HIS A 421 -3.64 -11.01 15.14
N ALA A 422 -4.12 -9.98 14.43
CA ALA A 422 -5.06 -10.12 13.31
C ALA A 422 -4.50 -11.00 12.17
N ALA A 423 -3.23 -10.79 11.77
CA ALA A 423 -2.60 -11.59 10.72
C ALA A 423 -2.54 -13.08 11.10
N LEU A 424 -2.02 -13.43 12.31
CA LEU A 424 -1.93 -14.84 12.73
C LEU A 424 -3.32 -15.50 12.84
N LYS A 425 -4.33 -14.76 13.34
CA LYS A 425 -5.69 -15.27 13.43
C LYS A 425 -6.22 -15.69 12.04
N SER A 426 -5.94 -14.89 10.99
CA SER A 426 -6.39 -15.14 9.63
C SER A 426 -5.60 -16.34 9.03
N PHE A 427 -4.31 -16.45 9.35
CA PHE A 427 -3.50 -17.58 8.85
C PHE A 427 -3.92 -18.90 9.48
N LYS A 428 -4.33 -18.87 10.76
CA LYS A 428 -4.83 -20.06 11.48
C LYS A 428 -6.11 -20.56 10.83
N GLU A 429 -7.03 -19.64 10.49
CA GLU A 429 -8.27 -19.96 9.77
C GLU A 429 -7.99 -20.61 8.38
N PHE A 430 -6.95 -20.14 7.67
CA PHE A 430 -6.52 -20.70 6.39
C PHE A 430 -5.99 -22.12 6.56
N ALA A 431 -5.05 -22.31 7.50
CA ALA A 431 -4.48 -23.64 7.80
C ALA A 431 -5.57 -24.66 8.23
N ALA A 432 -6.62 -24.17 8.88
CA ALA A 432 -7.72 -25.03 9.33
C ALA A 432 -8.68 -25.43 8.19
N GLY A 433 -8.59 -24.78 7.01
CA GLY A 433 -9.44 -25.02 5.86
C GLY A 433 -10.75 -24.22 5.93
N LYS A 434 -10.73 -23.06 6.59
CA LYS A 434 -11.94 -22.26 6.77
C LYS A 434 -12.20 -21.21 5.67
N ARG A 435 -11.32 -21.13 4.67
CA ARG A 435 -11.51 -20.28 3.48
C ARG A 435 -10.67 -20.78 2.29
C1 EDO B . -4.73 -1.06 0.79
O1 EDO B . -3.52 -1.72 1.16
C2 EDO B . -5.80 -1.35 1.83
O2 EDO B . -6.14 -0.17 2.52
P PO4 C . -2.75 17.34 -4.02
O1 PO4 C . -3.58 16.25 -4.68
O2 PO4 C . -1.76 17.94 -5.04
O3 PO4 C . -1.95 16.74 -2.85
O4 PO4 C . -3.68 18.45 -3.48
P PO4 D . 3.50 -4.94 5.73
O1 PO4 D . 3.73 -6.15 6.67
O2 PO4 D . 3.13 -5.42 4.34
O3 PO4 D . 4.81 -4.11 5.65
O4 PO4 D . 2.38 -4.06 6.30
C1 MPD E . -1.86 -8.58 -6.28
C2 MPD E . -3.28 -8.75 -5.79
O2 MPD E . -3.19 -9.26 -4.45
CM MPD E . -3.99 -7.40 -5.72
C3 MPD E . -4.03 -9.68 -6.77
C4 MPD E . -4.95 -10.77 -6.24
O4 MPD E . -5.80 -10.27 -5.20
C5 MPD E . -5.77 -11.38 -7.35
C10 ZVN F . -19.29 -1.64 -11.73
C13 ZVN F . -18.09 -3.24 -13.67
C01 ZVN F . -15.83 -3.98 -6.26
C02 ZVN F . -16.92 -3.93 -7.35
N03 ZVN F . -16.49 -4.42 -8.70
C04 ZVN F . -15.37 -5.43 -8.72
C05 ZVN F . -14.40 -5.38 -7.54
N06 ZVN F . -14.53 -4.20 -6.77
C07 ZVN F . -17.12 -3.91 -9.92
N08 ZVN F . -18.01 -2.88 -9.97
C09 ZVN F . -18.39 -2.63 -11.35
C11 ZVN F . -19.59 -1.44 -13.07
C12 ZVN F . -18.98 -2.26 -14.04
C14 ZVN F . -17.79 -3.43 -12.30
S15 ZVN F . -16.79 -4.47 -11.49
#